data_4CRA
#
_entry.id   4CRA
#
_cell.length_a   120.990
_cell.length_b   120.990
_cell.length_c   120.990
_cell.angle_alpha   90.00
_cell.angle_beta   90.00
_cell.angle_gamma   90.00
#
_symmetry.space_group_name_H-M   'I 2 3'
#
loop_
_entity.id
_entity.type
_entity.pdbx_description
1 polymer 'COAGULATION FACTOR XI'
2 non-polymer GLYCEROL
3 non-polymer N-[(1S)-2-[(2-amino-5-quinolyl)methylamino]-1-benzyl-2-oxo-ethyl]-4-hydroxy-2-oxo-1H-quinoline-6-carboxamide
4 non-polymer 'SULFATE ION'
5 water water
#
_entity_poly.entity_id   1
_entity_poly.type   'polypeptide(L)'
_entity_poly.pdbx_seq_one_letter_code
;IVGGTASVRGEWPWQVTLHTTSPTQRHLCGGSIIGNQWILTAAHCFYGVESPKILRVYSGILNQAEIAEDTSFFGVQEII
IHDQYKMAESGYDIALLKLETTVNYADSQRPISLPSKGDRNVIYTDCWVTGWGYRKLRDKIQNTLQKAKIPLVTNEECQK
RYRGHKITHKMICAGYREGGKDACKGDSGGPLSCKHNEVWHLVGITSWGEGCAQRERPGVYTNVVEYVDWILEKTQAV
;
_entity_poly.pdbx_strand_id   A
#
loop_
_chem_comp.id
_chem_comp.type
_chem_comp.name
_chem_comp.formula
GOL non-polymer GLYCEROL 'C3 H8 O3'
SO4 non-polymer 'SULFATE ION' 'O4 S -2'
XJ8 non-polymer N-[(1S)-2-[(2-amino-5-quinolyl)methylamino]-1-benzyl-2-oxo-ethyl]-4-hydroxy-2-oxo-1H-quinoline-6-carboxamide 'C29 H25 N5 O4'
#
# COMPACT_ATOMS: atom_id res chain seq x y z
N ILE A 1 -10.67 -4.31 0.86
CA ILE A 1 -10.84 -3.85 2.29
C ILE A 1 -12.09 -4.48 2.88
N VAL A 2 -11.93 -5.15 4.02
CA VAL A 2 -13.04 -5.76 4.75
C VAL A 2 -13.54 -4.77 5.80
N GLY A 3 -14.87 -4.62 5.89
CA GLY A 3 -15.50 -3.78 6.93
C GLY A 3 -15.30 -2.28 6.74
N GLY A 4 -15.01 -1.88 5.51
CA GLY A 4 -14.72 -0.48 5.21
C GLY A 4 -15.91 0.24 4.62
N THR A 5 -15.72 1.50 4.25
CA THR A 5 -16.73 2.27 3.57
C THR A 5 -16.13 2.97 2.36
N ALA A 6 -17.00 3.49 1.50
CA ALA A 6 -16.56 4.21 0.32
C ALA A 6 -15.77 5.45 0.72
N SER A 7 -14.68 5.71 0.00
CA SER A 7 -13.92 6.92 0.18
C SER A 7 -14.62 8.09 -0.52
N VAL A 8 -14.30 9.29 -0.06
CA VAL A 8 -14.66 10.52 -0.75
C VAL A 8 -13.63 10.75 -1.85
N ARG A 9 -14.08 11.25 -2.99
CA ARG A 9 -13.16 11.63 -4.05
C ARG A 9 -12.15 12.68 -3.55
N GLY A 10 -10.87 12.44 -3.82
CA GLY A 10 -9.79 13.31 -3.38
C GLY A 10 -9.31 13.16 -1.94
N GLU A 11 -9.92 12.28 -1.16
CA GLU A 11 -9.51 12.18 0.25
C GLU A 11 -8.21 11.37 0.47
N TRP A 12 -7.83 10.54 -0.50
CA TRP A 12 -6.56 9.80 -0.42
C TRP A 12 -5.78 10.03 -1.72
N PRO A 13 -5.33 11.28 -1.93
CA PRO A 13 -4.76 11.68 -3.23
C PRO A 13 -3.39 11.07 -3.57
N TRP A 14 -2.76 10.46 -2.59
CA TRP A 14 -1.52 9.68 -2.82
C TRP A 14 -1.79 8.24 -3.29
N GLN A 15 -3.03 7.77 -3.11
CA GLN A 15 -3.39 6.42 -3.52
C GLN A 15 -3.45 6.28 -5.05
N VAL A 16 -2.69 5.32 -5.57
CA VAL A 16 -2.80 4.93 -6.98
C VAL A 16 -3.29 3.48 -7.11
N THR A 17 -3.82 3.18 -8.29
CA THR A 17 -4.11 1.81 -8.71
C THR A 17 -3.13 1.43 -9.83
N LEU A 18 -2.35 0.40 -9.56
CA LEU A 18 -1.36 -0.12 -10.50
C LEU A 18 -2.05 -1.23 -11.27
N HIS A 19 -2.08 -1.08 -12.59
CA HIS A 19 -2.66 -2.09 -13.49
C HIS A 19 -1.58 -2.86 -14.23
N THR A 20 -1.91 -4.10 -14.56
CA THR A 20 -1.20 -4.86 -15.60
C THR A 20 -2.11 -4.97 -16.82
N THR A 21 -1.50 -4.99 -18.00
CA THR A 21 -2.25 -5.10 -19.27
C THR A 21 -2.29 -6.55 -19.77
N SER A 22 -1.62 -7.44 -19.05
CA SER A 22 -1.44 -8.83 -19.48
C SER A 22 -2.20 -9.82 -18.60
N PRO A 23 -3.04 -10.70 -19.21
CA PRO A 23 -3.39 -10.82 -20.64
C PRO A 23 -4.36 -9.74 -21.13
N THR A 24 -5.28 -9.35 -20.26
CA THR A 24 -6.11 -8.17 -20.50
C THR A 24 -6.00 -7.29 -19.25
N GLN A 25 -6.38 -6.03 -19.41
CA GLN A 25 -6.11 -5.04 -18.36
C GLN A 25 -6.94 -5.29 -17.12
N ARG A 26 -6.23 -5.27 -15.99
CA ARG A 26 -6.84 -5.37 -14.65
CA ARG A 26 -6.84 -5.39 -14.65
C ARG A 26 -6.00 -4.70 -13.55
N HIS A 27 -6.66 -4.27 -12.46
CA HIS A 27 -6.00 -3.84 -11.22
C HIS A 27 -5.07 -4.95 -10.69
N LEU A 28 -3.82 -4.59 -10.38
CA LEU A 28 -2.87 -5.51 -9.80
C LEU A 28 -2.63 -5.22 -8.30
N CYS A 29 -2.36 -3.96 -7.98
CA CYS A 29 -2.00 -3.58 -6.62
C CYS A 29 -2.28 -2.12 -6.35
N GLY A 30 -2.32 -1.77 -5.07
CA GLY A 30 -2.27 -0.36 -4.65
C GLY A 30 -0.83 0.13 -4.66
N GLY A 31 -0.67 1.44 -4.41
CA GLY A 31 0.64 2.06 -4.29
C GLY A 31 0.43 3.49 -3.82
N SER A 32 1.52 4.18 -3.49
CA SER A 32 1.45 5.53 -2.94
C SER A 32 2.39 6.46 -3.68
N ILE A 33 1.89 7.63 -4.09
CA ILE A 33 2.75 8.67 -4.64
C ILE A 33 3.61 9.23 -3.51
N ILE A 34 4.92 9.14 -3.66
CA ILE A 34 5.85 9.72 -2.67
C ILE A 34 6.78 10.78 -3.25
N GLY A 35 6.78 10.92 -4.58
CA GLY A 35 7.55 11.94 -5.28
C GLY A 35 7.00 12.10 -6.69
N ASN A 36 7.46 13.10 -7.45
CA ASN A 36 6.87 13.40 -8.78
CA ASN A 36 6.82 13.37 -8.76
C ASN A 36 7.02 12.28 -9.82
N GLN A 37 8.01 11.42 -9.60
CA GLN A 37 8.30 10.32 -10.49
C GLN A 37 8.31 8.96 -9.76
N TRP A 38 7.78 8.91 -8.55
CA TRP A 38 7.97 7.75 -7.69
C TRP A 38 6.74 7.24 -6.98
N ILE A 39 6.45 5.96 -7.18
CA ILE A 39 5.40 5.27 -6.44
C ILE A 39 6.04 4.27 -5.51
N LEU A 40 5.61 4.25 -4.24
CA LEU A 40 6.04 3.25 -3.28
C LEU A 40 4.96 2.16 -3.17
N THR A 41 5.39 0.91 -3.28
CA THR A 41 4.45 -0.21 -3.28
C THR A 41 5.12 -1.47 -2.70
N ALA A 42 4.48 -2.63 -2.84
CA ALA A 42 5.04 -3.88 -2.30
C ALA A 42 5.79 -4.67 -3.37
N ALA A 43 6.93 -5.23 -2.98
CA ALA A 43 7.73 -6.05 -3.86
C ALA A 43 6.97 -7.27 -4.40
N HIS A 44 6.09 -7.87 -3.58
CA HIS A 44 5.41 -9.11 -4.02
C HIS A 44 4.45 -8.88 -5.19
N CYS A 45 4.09 -7.63 -5.44
CA CYS A 45 3.22 -7.27 -6.56
C CYS A 45 3.81 -7.62 -7.93
N PHE A 46 5.11 -7.86 -7.99
CA PHE A 46 5.78 -8.07 -9.27
C PHE A 46 6.15 -9.53 -9.53
N TYR A 47 5.55 -10.42 -8.77
CA TYR A 47 5.74 -11.85 -8.98
C TYR A 47 5.37 -12.15 -10.42
N GLY A 48 6.30 -12.71 -11.16
CA GLY A 48 6.02 -13.07 -12.56
C GLY A 48 6.02 -11.93 -13.56
N VAL A 49 6.26 -10.69 -13.10
CA VAL A 49 6.26 -9.54 -13.99
C VAL A 49 7.66 -9.42 -14.58
N GLU A 50 7.79 -9.63 -15.89
CA GLU A 50 9.11 -9.70 -16.52
C GLU A 50 9.61 -8.35 -17.02
N SER A 51 8.68 -7.45 -17.34
CA SER A 51 9.02 -6.14 -17.88
C SER A 51 8.09 -5.07 -17.30
N PRO A 52 8.60 -3.85 -17.10
CA PRO A 52 7.71 -2.75 -16.67
C PRO A 52 6.75 -2.29 -17.79
N LYS A 53 6.95 -2.76 -19.01
CA LYS A 53 6.11 -2.38 -20.16
C LYS A 53 4.65 -2.80 -20.05
N ILE A 54 4.34 -3.80 -19.23
CA ILE A 54 2.95 -4.22 -19.05
C ILE A 54 2.23 -3.48 -17.91
N LEU A 55 2.92 -2.56 -17.24
CA LEU A 55 2.36 -1.81 -16.10
C LEU A 55 1.80 -0.45 -16.51
N ARG A 56 0.73 -0.06 -15.82
CA ARG A 56 0.14 1.27 -15.95
C ARG A 56 -0.24 1.76 -14.56
N VAL A 57 0.18 2.96 -14.22
CA VAL A 57 -0.20 3.59 -12.96
C VAL A 57 -1.25 4.66 -13.23
N TYR A 58 -2.40 4.51 -12.57
CA TYR A 58 -3.47 5.52 -12.62
C TYR A 58 -3.56 6.26 -11.29
N SER A 59 -3.52 7.58 -11.36
CA SER A 59 -3.69 8.43 -10.18
C SER A 59 -4.98 9.19 -10.27
N GLY A 60 -5.42 9.73 -9.14
CA GLY A 60 -6.66 10.52 -9.06
C GLY A 60 -7.90 9.71 -9.42
N ILE A 61 -7.90 8.43 -9.07
CA ILE A 61 -9.00 7.54 -9.37
C ILE A 61 -9.75 7.26 -8.08
N LEU A 62 -11.07 7.39 -8.12
CA LEU A 62 -11.93 6.92 -7.04
C LEU A 62 -12.54 5.57 -7.41
N ASN A 63 -13.16 5.52 -8.60
CA ASN A 63 -13.80 4.32 -9.13
C ASN A 63 -13.04 3.72 -10.29
N GLN A 64 -12.84 2.40 -10.23
CA GLN A 64 -12.23 1.66 -11.33
C GLN A 64 -12.96 1.91 -12.66
N ALA A 65 -14.26 2.17 -12.60
CA ALA A 65 -15.06 2.52 -13.80
C ALA A 65 -14.56 3.77 -14.55
N GLU A 66 -13.81 4.65 -13.85
CA GLU A 66 -13.16 5.81 -14.50
C GLU A 66 -12.09 5.41 -15.50
N ILE A 67 -11.57 4.19 -15.36
CA ILE A 67 -10.47 3.76 -16.19
C ILE A 67 -11.00 3.05 -17.42
N ALA A 68 -10.77 3.68 -18.58
CA ALA A 68 -11.15 3.12 -19.87
C ALA A 68 -9.94 3.14 -20.79
N GLU A 69 -10.07 2.58 -21.98
CA GLU A 69 -8.95 2.63 -22.97
CA GLU A 69 -8.96 2.62 -22.94
C GLU A 69 -8.43 4.07 -23.25
N ASP A 70 -9.31 5.05 -23.11
CA ASP A 70 -8.96 6.44 -23.38
C ASP A 70 -8.54 7.21 -22.12
N THR A 71 -8.36 6.52 -20.99
CA THR A 71 -7.96 7.21 -19.75
C THR A 71 -6.44 7.35 -19.72
N SER A 72 -5.94 8.53 -19.34
CA SER A 72 -4.51 8.74 -19.30
C SER A 72 -3.89 8.04 -18.07
N PHE A 73 -2.64 7.62 -18.23
CA PHE A 73 -1.93 6.87 -17.18
C PHE A 73 -0.45 7.22 -17.23
N PHE A 74 0.28 6.77 -16.21
CA PHE A 74 1.73 6.87 -16.17
C PHE A 74 2.37 5.53 -16.51
N GLY A 75 3.24 5.53 -17.51
CA GLY A 75 4.08 4.38 -17.78
C GLY A 75 5.11 4.20 -16.69
N VAL A 76 5.62 2.98 -16.57
CA VAL A 76 6.64 2.67 -15.59
C VAL A 76 7.94 2.40 -16.33
N GLN A 77 8.95 3.17 -15.97
CA GLN A 77 10.26 3.08 -16.57
C GLN A 77 11.13 2.01 -15.91
N GLU A 78 11.00 1.88 -14.59
CA GLU A 78 11.83 0.96 -13.83
C GLU A 78 11.09 0.44 -12.61
N ILE A 79 11.23 -0.87 -12.36
CA ILE A 79 10.80 -1.48 -11.10
C ILE A 79 12.03 -1.71 -10.24
N ILE A 80 12.03 -1.17 -9.03
CA ILE A 80 13.14 -1.33 -8.09
C ILE A 80 12.67 -2.08 -6.84
N ILE A 81 13.10 -3.34 -6.75
CA ILE A 81 12.74 -4.20 -5.61
C ILE A 81 13.92 -4.29 -4.63
N HIS A 82 13.62 -4.24 -3.34
CA HIS A 82 14.65 -4.36 -2.31
C HIS A 82 15.48 -5.62 -2.55
N ASP A 83 16.82 -5.51 -2.51
CA ASP A 83 17.66 -6.67 -2.87
C ASP A 83 17.66 -7.79 -1.82
N GLN A 84 17.09 -7.49 -0.65
CA GLN A 84 16.92 -8.50 0.39
C GLN A 84 15.54 -9.17 0.37
N TYR A 85 14.65 -8.70 -0.50
CA TYR A 85 13.32 -9.27 -0.60
C TYR A 85 13.36 -10.68 -1.18
N LYS A 86 12.66 -11.59 -0.49
CA LYS A 86 12.46 -12.95 -0.98
C LYS A 86 10.98 -13.22 -1.16
N MET A 87 10.20 -12.88 -0.14
CA MET A 87 8.75 -13.05 -0.16
C MET A 87 8.10 -12.22 0.96
N ALA A 88 6.83 -11.88 0.77
CA ALA A 88 6.13 -10.97 1.68
C ALA A 88 6.28 -11.33 3.17
N GLU A 89 6.05 -12.59 3.51
CA GLU A 89 6.04 -12.99 4.92
C GLU A 89 7.39 -12.91 5.65
N SER A 90 8.51 -12.85 4.92
CA SER A 90 9.83 -12.70 5.57
C SER A 90 10.40 -11.27 5.48
N GLY A 91 9.57 -10.33 5.06
CA GLY A 91 9.90 -8.91 5.18
C GLY A 91 10.52 -8.36 3.92
N TYR A 92 11.06 -7.15 4.04
CA TYR A 92 11.64 -6.42 2.89
C TYR A 92 10.66 -6.28 1.71
N ASP A 93 9.36 -6.26 2.03
CA ASP A 93 8.32 -6.25 1.02
C ASP A 93 8.07 -4.81 0.60
N ILE A 94 8.99 -4.30 -0.21
CA ILE A 94 9.00 -2.89 -0.59
C ILE A 94 9.60 -2.73 -1.98
N ALA A 95 8.97 -1.87 -2.76
CA ALA A 95 9.40 -1.63 -4.12
C ALA A 95 9.10 -0.20 -4.53
N LEU A 96 9.95 0.32 -5.41
CA LEU A 96 9.74 1.61 -6.03
C LEU A 96 9.44 1.43 -7.52
N LEU A 97 8.46 2.20 -7.99
CA LEU A 97 8.22 2.34 -9.41
C LEU A 97 8.69 3.71 -9.84
N LYS A 98 9.63 3.74 -10.77
CA LYS A 98 10.03 5.00 -11.41
C LYS A 98 9.17 5.22 -12.64
N LEU A 99 8.42 6.32 -12.65
CA LEU A 99 7.51 6.60 -13.76
C LEU A 99 8.23 7.17 -14.98
N GLU A 100 7.65 6.95 -16.16
CA GLU A 100 8.23 7.46 -17.41
C GLU A 100 8.10 8.99 -17.51
N THR A 101 7.05 9.51 -16.90
CA THR A 101 6.80 10.96 -16.86
C THR A 101 6.46 11.37 -15.43
N THR A 102 6.45 12.67 -15.18
CA THR A 102 6.21 13.17 -13.82
C THR A 102 4.75 13.49 -13.56
N VAL A 103 4.33 13.27 -12.31
CA VAL A 103 2.97 13.58 -11.89
C VAL A 103 2.87 15.10 -11.68
N ASN A 104 1.89 15.73 -12.30
CA ASN A 104 1.56 17.12 -11.99
C ASN A 104 0.59 17.13 -10.82
N TYR A 105 1.04 17.67 -9.68
CA TYR A 105 0.27 17.63 -8.46
C TYR A 105 -0.95 18.54 -8.52
N ALA A 106 -2.02 18.11 -7.87
CA ALA A 106 -3.27 18.85 -7.76
C ALA A 106 -4.03 18.21 -6.61
N ASP A 107 -5.25 18.66 -6.31
CA ASP A 107 -5.94 18.08 -5.16
C ASP A 107 -6.51 16.67 -5.42
N SER A 108 -6.50 16.26 -6.69
CA SER A 108 -6.81 14.87 -7.07
C SER A 108 -5.60 13.93 -6.92
N GLN A 109 -4.39 14.48 -6.90
CA GLN A 109 -3.19 13.64 -6.89
C GLN A 109 -1.97 14.38 -6.37
N ARG A 110 -1.46 13.91 -5.24
CA ARG A 110 -0.31 14.55 -4.59
C ARG A 110 0.36 13.59 -3.62
N PRO A 111 1.60 13.91 -3.22
CA PRO A 111 2.37 12.92 -2.47
C PRO A 111 2.00 12.86 -0.99
N ILE A 112 2.25 11.70 -0.38
CA ILE A 112 2.17 11.55 1.07
C ILE A 112 3.58 11.63 1.64
N SER A 113 3.72 12.32 2.77
CA SER A 113 5.00 12.41 3.48
C SER A 113 5.44 11.07 4.06
N LEU A 114 6.72 10.77 3.92
CA LEU A 114 7.31 9.59 4.54
C LEU A 114 7.50 9.89 6.02
N PRO A 115 7.48 8.83 6.87
CA PRO A 115 7.67 9.11 8.29
C PRO A 115 9.09 9.58 8.58
N SER A 116 9.23 10.33 9.67
CA SER A 116 10.53 10.75 10.16
C SER A 116 11.05 9.71 11.16
N LYS A 117 12.35 9.45 11.14
CA LYS A 117 12.96 8.58 12.16
C LYS A 117 12.66 9.08 13.59
N GLY A 118 12.43 10.37 13.74
CA GLY A 118 12.01 10.96 15.03
C GLY A 118 10.58 10.67 15.45
N ASP A 119 9.77 10.14 14.52
CA ASP A 119 8.38 9.77 14.78
C ASP A 119 8.19 8.30 15.23
N ARG A 120 9.29 7.57 15.40
CA ARG A 120 9.25 6.19 15.90
C ARG A 120 8.57 6.03 17.27
N ASN A 121 8.53 7.12 18.04
CA ASN A 121 7.95 7.13 19.38
C ASN A 121 6.51 7.68 19.43
N VAL A 122 6.06 8.26 18.32
CA VAL A 122 4.71 8.81 18.23
C VAL A 122 3.67 7.69 18.32
N ILE A 123 2.63 7.93 19.12
CA ILE A 123 1.50 7.00 19.21
C ILE A 123 0.40 7.48 18.27
N TYR A 124 0.33 6.85 17.10
CA TYR A 124 -0.71 7.12 16.12
C TYR A 124 -2.00 6.44 16.56
N THR A 125 -3.09 7.20 16.55
CA THR A 125 -4.41 6.69 16.90
C THR A 125 -5.43 6.95 15.79
N ASP A 126 -4.96 7.39 14.63
CA ASP A 126 -5.82 7.76 13.50
C ASP A 126 -5.24 7.19 12.19
N CYS A 127 -5.14 5.86 12.13
CA CYS A 127 -4.57 5.18 10.96
C CYS A 127 -5.65 4.55 10.10
N TRP A 128 -5.46 4.64 8.79
CA TRP A 128 -6.42 4.11 7.83
C TRP A 128 -5.74 3.28 6.74
N VAL A 129 -6.36 2.16 6.40
CA VAL A 129 -5.94 1.34 5.25
C VAL A 129 -7.00 1.48 4.15
N THR A 130 -6.52 1.62 2.92
CA THR A 130 -7.36 1.91 1.78
C THR A 130 -7.05 1.00 0.60
N GLY A 131 -8.05 0.76 -0.24
CA GLY A 131 -7.83 0.02 -1.49
C GLY A 131 -9.08 -0.47 -2.18
N TRP A 132 -8.87 -1.07 -3.35
CA TRP A 132 -9.93 -1.65 -4.17
C TRP A 132 -10.04 -3.17 -4.02
N GLY A 133 -9.45 -3.71 -2.95
CA GLY A 133 -9.38 -5.15 -2.76
C GLY A 133 -10.70 -5.79 -2.32
N TYR A 134 -10.63 -7.09 -2.11
CA TYR A 134 -11.76 -7.91 -1.72
C TYR A 134 -12.40 -7.42 -0.42
N ARG A 135 -13.71 -7.58 -0.30
CA ARG A 135 -14.41 -7.31 0.97
C ARG A 135 -14.46 -8.55 1.86
N LYS A 136 -14.03 -9.69 1.32
CA LYS A 136 -13.89 -10.93 2.08
C LYS A 136 -12.92 -11.82 1.33
N LEU A 137 -12.30 -12.77 2.03
CA LEU A 137 -11.23 -13.59 1.43
C LEU A 137 -11.61 -14.18 0.07
N ARG A 138 -12.87 -14.60 -0.08
CA ARG A 138 -13.37 -15.07 -1.37
C ARG A 138 -14.34 -14.03 -1.91
N ASP A 139 -13.85 -13.20 -2.84
CA ASP A 139 -14.60 -12.04 -3.33
C ASP A 139 -13.95 -11.58 -4.64
N LYS A 140 -13.92 -10.26 -4.88
CA LYS A 140 -13.44 -9.70 -6.15
C LYS A 140 -13.06 -8.23 -5.97
N ILE A 141 -12.40 -7.67 -6.99
CA ILE A 141 -11.97 -6.26 -6.93
C ILE A 141 -13.19 -5.35 -6.91
N GLN A 142 -13.12 -4.31 -6.08
CA GLN A 142 -14.24 -3.39 -5.89
C GLN A 142 -14.11 -2.17 -6.80
N ASN A 143 -15.25 -1.64 -7.23
CA ASN A 143 -15.25 -0.44 -8.05
C ASN A 143 -14.73 0.79 -7.30
N THR A 144 -15.36 1.07 -6.16
CA THR A 144 -15.05 2.28 -5.37
C THR A 144 -13.96 2.07 -4.31
N LEU A 145 -12.98 2.99 -4.26
CA LEU A 145 -11.90 2.91 -3.26
C LEU A 145 -12.48 2.88 -1.84
N GLN A 146 -12.13 1.84 -1.09
CA GLN A 146 -12.63 1.66 0.28
C GLN A 146 -11.63 2.11 1.30
N LYS A 147 -12.12 2.50 2.47
CA LYS A 147 -11.27 2.89 3.58
C LYS A 147 -11.72 2.24 4.87
N ALA A 148 -10.77 1.97 5.76
CA ALA A 148 -11.09 1.45 7.09
C ALA A 148 -10.11 1.97 8.10
N LYS A 149 -10.63 2.45 9.22
CA LYS A 149 -9.81 2.92 10.31
C LYS A 149 -9.45 1.70 11.15
N ILE A 150 -8.16 1.53 11.42
CA ILE A 150 -7.69 0.36 12.16
CA ILE A 150 -7.71 0.37 12.18
C ILE A 150 -6.57 0.76 13.13
N PRO A 151 -6.61 0.24 14.35
CA PRO A 151 -5.57 0.57 15.32
C PRO A 151 -4.28 -0.22 15.08
N LEU A 152 -3.15 0.45 15.23
CA LEU A 152 -1.88 -0.24 15.29
C LEU A 152 -1.85 -1.13 16.53
N VAL A 153 -1.09 -2.22 16.44
CA VAL A 153 -0.82 -3.08 17.59
C VAL A 153 0.68 -3.16 17.77
N THR A 154 1.14 -3.48 18.98
CA THR A 154 2.57 -3.57 19.24
C THR A 154 3.14 -4.80 18.54
N ASN A 155 4.42 -4.76 18.22
CA ASN A 155 5.04 -5.91 17.59
C ASN A 155 5.02 -7.14 18.51
N GLU A 156 5.14 -6.92 19.83
CA GLU A 156 4.98 -8.03 20.80
CA GLU A 156 4.98 -8.02 20.81
C GLU A 156 3.61 -8.70 20.71
N GLU A 157 2.55 -7.89 20.60
CA GLU A 157 1.19 -8.40 20.43
C GLU A 157 1.03 -9.10 19.09
N CYS A 158 1.57 -8.49 18.03
CA CYS A 158 1.48 -9.08 16.71
C CYS A 158 2.19 -10.44 16.68
N GLN A 159 3.35 -10.53 17.33
CA GLN A 159 4.13 -11.77 17.36
C GLN A 159 3.35 -12.92 18.02
N LYS A 160 2.63 -12.63 19.11
CA LYS A 160 1.78 -13.62 19.78
C LYS A 160 0.71 -14.18 18.82
N ARG A 161 0.24 -13.36 17.88
CA ARG A 161 -0.79 -13.76 16.92
C ARG A 161 -0.24 -14.48 15.67
N TYR A 162 1.08 -14.50 15.50
CA TYR A 162 1.72 -15.15 14.34
C TYR A 162 2.92 -15.99 14.80
N ARG A 163 2.65 -16.98 15.65
CA ARG A 163 3.71 -17.81 16.26
C ARG A 163 4.56 -18.64 15.29
N GLY A 164 4.05 -18.92 14.09
CA GLY A 164 4.88 -19.58 13.07
C GLY A 164 5.74 -18.65 12.23
N HIS A 165 5.62 -17.34 12.48
CA HIS A 165 6.36 -16.31 11.77
C HIS A 165 7.28 -15.52 12.71
N LYS A 166 8.24 -14.83 12.13
CA LYS A 166 9.02 -13.84 12.85
C LYS A 166 8.52 -12.45 12.46
N ILE A 167 7.86 -11.76 13.39
CA ILE A 167 7.45 -10.37 13.17
C ILE A 167 8.60 -9.46 13.60
N THR A 168 9.29 -8.91 12.62
CA THR A 168 10.49 -8.11 12.90
C THR A 168 10.10 -6.64 13.12
N HIS A 169 11.08 -5.85 13.56
CA HIS A 169 10.87 -4.41 13.73
C HIS A 169 10.75 -3.67 12.40
N LYS A 170 11.01 -4.37 11.30
CA LYS A 170 10.80 -3.82 9.96
C LYS A 170 9.39 -4.09 9.43
N MET A 171 8.56 -4.69 10.30
CA MET A 171 7.14 -4.86 10.06
C MET A 171 6.35 -4.08 11.08
N ILE A 172 5.12 -3.73 10.72
CA ILE A 172 4.21 -3.11 11.66
C ILE A 172 2.81 -3.69 11.43
N CYS A 173 2.09 -3.88 12.53
CA CYS A 173 0.79 -4.55 12.45
C CYS A 173 -0.37 -3.66 12.88
N ALA A 174 -1.53 -3.95 12.32
CA ALA A 174 -2.74 -3.19 12.62
C ALA A 174 -3.95 -4.08 12.52
N GLY A 175 -4.87 -3.93 13.47
CA GLY A 175 -6.08 -4.76 13.51
C GLY A 175 -6.79 -4.70 14.83
N TYR A 176 -8.05 -5.11 14.84
CA TYR A 176 -8.84 -5.22 16.07
C TYR A 176 -8.76 -6.64 16.59
N ARG A 177 -8.73 -6.80 17.91
CA ARG A 177 -8.68 -8.15 18.48
C ARG A 177 -9.84 -9.02 17.99
N GLU A 178 -11.01 -8.41 17.87
CA GLU A 178 -12.21 -9.10 17.41
C GLU A 178 -12.29 -9.23 15.87
N GLY A 179 -11.29 -8.69 15.16
CA GLY A 179 -11.29 -8.71 13.70
C GLY A 179 -12.33 -7.77 13.11
N GLY A 180 -12.75 -8.03 11.88
CA GLY A 180 -13.84 -7.30 11.27
C GLY A 180 -13.44 -6.23 10.28
N LYS A 181 -12.29 -5.59 10.51
CA LYS A 181 -11.74 -4.60 9.56
C LYS A 181 -10.28 -4.94 9.22
N ASP A 182 -9.95 -4.96 7.94
CA ASP A 182 -8.59 -5.38 7.51
C ASP A 182 -8.42 -5.13 6.02
N ALA A 183 -7.17 -5.13 5.57
CA ALA A 183 -6.85 -5.28 4.16
C ALA A 183 -7.15 -6.72 3.73
N CYS A 184 -7.26 -6.92 2.42
CA CYS A 184 -7.49 -8.23 1.81
C CYS A 184 -6.89 -8.25 0.41
N LYS A 185 -7.14 -9.34 -0.33
CA LYS A 185 -6.55 -9.50 -1.67
C LYS A 185 -6.89 -8.32 -2.56
N GLY A 186 -5.89 -7.78 -3.24
CA GLY A 186 -6.07 -6.63 -4.12
C GLY A 186 -5.71 -5.31 -3.46
N ASP A 187 -5.65 -5.28 -2.14
CA ASP A 187 -5.22 -4.09 -1.39
C ASP A 187 -3.71 -3.97 -1.26
N SER A 188 -2.97 -5.06 -1.47
CA SER A 188 -1.54 -5.03 -1.18
C SER A 188 -0.81 -3.96 -2.01
N GLY A 189 0.26 -3.43 -1.43
CA GLY A 189 1.03 -2.37 -2.05
C GLY A 189 0.52 -0.98 -1.70
N GLY A 190 -0.74 -0.87 -1.29
CA GLY A 190 -1.33 0.42 -0.90
C GLY A 190 -0.83 0.89 0.45
N PRO A 191 -1.25 2.11 0.84
CA PRO A 191 -0.82 2.71 2.08
C PRO A 191 -1.58 2.27 3.31
N LEU A 192 -0.87 2.31 4.42
CA LEU A 192 -1.48 2.49 5.74
C LEU A 192 -1.09 3.91 6.13
N SER A 193 -2.10 4.80 6.14
CA SER A 193 -1.91 6.23 6.29
C SER A 193 -2.36 6.65 7.67
N CYS A 194 -1.46 7.30 8.41
CA CYS A 194 -1.77 7.76 9.78
C CYS A 194 -1.64 9.28 9.86
N LYS A 195 -2.68 9.89 10.41
CA LYS A 195 -2.74 11.34 10.62
C LYS A 195 -2.34 11.67 12.05
N HIS A 196 -1.45 12.63 12.20
CA HIS A 196 -0.96 13.09 13.50
C HIS A 196 -0.51 14.55 13.39
N ASN A 197 -1.05 15.40 14.26
CA ASN A 197 -0.85 16.86 14.19
C ASN A 197 -1.19 17.41 12.82
N GLU A 198 -2.38 17.07 12.34
CA GLU A 198 -2.88 17.54 11.03
C GLU A 198 -2.04 17.13 9.82
N VAL A 199 -1.11 16.19 9.98
CA VAL A 199 -0.24 15.77 8.87
C VAL A 199 -0.36 14.25 8.68
N TRP A 200 -0.53 13.83 7.43
CA TRP A 200 -0.57 12.41 7.09
C TRP A 200 0.85 11.88 6.84
N HIS A 201 1.14 10.70 7.36
CA HIS A 201 2.39 10.02 7.08
C HIS A 201 2.12 8.61 6.58
N LEU A 202 3.00 8.16 5.68
CA LEU A 202 2.95 6.81 5.12
C LEU A 202 3.64 5.87 6.10
N VAL A 203 2.85 5.33 7.01
CA VAL A 203 3.38 4.48 8.09
C VAL A 203 3.65 3.05 7.61
N GLY A 204 2.71 2.50 6.85
CA GLY A 204 2.86 1.14 6.35
C GLY A 204 2.54 0.94 4.88
N ILE A 205 3.00 -0.21 4.37
CA ILE A 205 2.62 -0.71 3.06
C ILE A 205 1.91 -2.04 3.28
N THR A 206 0.70 -2.15 2.77
CA THR A 206 -0.10 -3.37 2.91
C THR A 206 0.64 -4.56 2.34
N SER A 207 0.90 -5.57 3.19
CA SER A 207 1.81 -6.64 2.82
C SER A 207 1.16 -8.04 2.86
N TRP A 208 0.76 -8.49 4.05
CA TRP A 208 0.19 -9.84 4.19
C TRP A 208 -0.60 -9.98 5.49
N GLY A 209 -1.34 -11.08 5.58
CA GLY A 209 -1.98 -11.49 6.82
C GLY A 209 -2.54 -12.89 6.64
N GLU A 210 -2.95 -13.53 7.73
CA GLU A 210 -3.60 -14.84 7.62
C GLU A 210 -5.07 -14.65 7.41
N GLY A 211 -5.53 -14.84 6.18
CA GLY A 211 -6.91 -14.52 5.83
C GLY A 211 -7.13 -13.01 5.89
N CYS A 212 -8.40 -12.60 5.96
CA CYS A 212 -8.76 -11.18 6.00
C CYS A 212 -9.72 -10.87 7.13
N ALA A 213 -9.28 -10.01 8.05
CA ALA A 213 -10.14 -9.49 9.13
C ALA A 213 -10.51 -10.54 10.17
N GLN A 214 -9.73 -11.60 10.28
CA GLN A 214 -10.05 -12.64 11.23
C GLN A 214 -9.80 -12.19 12.65
N ARG A 215 -10.53 -12.72 13.61
CA ARG A 215 -10.21 -12.48 15.04
CA ARG A 215 -10.20 -12.42 15.01
C ARG A 215 -8.73 -12.78 15.36
N GLU A 216 -8.05 -11.89 16.10
CA GLU A 216 -6.66 -12.17 16.55
C GLU A 216 -5.69 -12.49 15.42
N ARG A 217 -5.93 -11.89 14.25
CA ARG A 217 -4.98 -11.96 13.13
C ARG A 217 -4.83 -10.57 12.52
N PRO A 218 -4.00 -9.71 13.15
CA PRO A 218 -3.71 -8.37 12.62
C PRO A 218 -3.16 -8.41 11.19
N GLY A 219 -3.47 -7.38 10.41
CA GLY A 219 -2.79 -7.18 9.13
C GLY A 219 -1.33 -6.85 9.37
N VAL A 220 -0.46 -7.34 8.49
CA VAL A 220 0.97 -7.10 8.59
C VAL A 220 1.40 -6.14 7.47
N TYR A 221 2.10 -5.09 7.85
CA TYR A 221 2.54 -4.05 6.90
C TYR A 221 4.05 -3.84 6.97
N THR A 222 4.61 -3.41 5.84
CA THR A 222 6.00 -3.01 5.81
C THR A 222 6.10 -1.72 6.64
N ASN A 223 7.07 -1.68 7.56
CA ASN A 223 7.25 -0.53 8.46
C ASN A 223 8.13 0.49 7.74
N VAL A 224 7.48 1.44 7.11
CA VAL A 224 8.11 2.33 6.15
C VAL A 224 9.29 3.14 6.75
N VAL A 225 9.17 3.57 8.00
CA VAL A 225 10.24 4.36 8.64
C VAL A 225 11.59 3.62 8.57
N GLU A 226 11.56 2.28 8.61
CA GLU A 226 12.78 1.47 8.53
C GLU A 226 13.44 1.48 7.15
N TYR A 227 12.81 2.12 6.18
CA TYR A 227 13.28 2.12 4.80
C TYR A 227 13.51 3.52 4.23
N VAL A 228 13.47 4.55 5.07
CA VAL A 228 13.70 5.91 4.54
C VAL A 228 15.10 6.08 3.93
N ASP A 229 16.14 5.47 4.51
CA ASP A 229 17.49 5.53 3.93
C ASP A 229 17.54 4.80 2.60
N TRP A 230 16.93 3.61 2.55
CA TRP A 230 16.84 2.86 1.29
C TRP A 230 16.12 3.65 0.19
N ILE A 231 14.99 4.26 0.54
CA ILE A 231 14.24 5.07 -0.43
C ILE A 231 15.08 6.24 -0.95
N LEU A 232 15.77 6.93 -0.05
CA LEU A 232 16.65 8.01 -0.47
C LEU A 232 17.73 7.50 -1.44
N GLU A 233 18.40 6.42 -1.04
CA GLU A 233 19.48 5.83 -1.84
C GLU A 233 19.00 5.44 -3.23
N LYS A 234 17.84 4.81 -3.31
CA LYS A 234 17.32 4.31 -4.59
C LYS A 234 16.68 5.37 -5.49
N THR A 235 16.20 6.46 -4.90
CA THR A 235 15.61 7.54 -5.69
C THR A 235 16.63 8.63 -6.07
N GLN A 236 17.89 8.45 -5.68
CA GLN A 236 18.99 9.37 -6.06
C GLN A 236 19.49 9.14 -7.47
N ALA A 237 19.76 10.23 -8.18
CA ALA A 237 20.15 10.13 -9.59
C ALA A 237 21.50 9.45 -9.79
N VAL A 238 21.65 8.89 -10.99
CA VAL A 238 22.86 8.18 -11.42
C VAL A 238 23.08 8.41 -12.91
C1 GOL B . 1.68 -13.24 -1.91
O1 GOL B . 2.70 -14.06 -1.28
C2 GOL B . 0.66 -12.75 -0.88
O2 GOL B . -0.62 -12.51 -1.52
C3 GOL B . 1.18 -11.47 -0.24
O3 GOL B . 0.43 -11.16 0.95
C1 GOL C . -7.74 10.77 -5.44
O1 GOL C . -8.39 11.95 -5.91
C2 GOL C . -8.73 9.73 -4.93
O2 GOL C . -10.10 9.98 -5.29
C3 GOL C . -8.62 9.66 -3.43
O3 GOL C . -9.55 8.67 -2.99
C25 XJ8 D . -4.38 -10.56 -5.24
O26 XJ8 D . -4.66 -11.68 -4.86
C27 XJ8 D . -5.11 -9.95 -6.38
C28 XJ8 D . -4.62 -8.78 -6.99
C29 XJ8 D . -5.24 -8.21 -8.07
C30 XJ8 D . -6.41 -8.79 -8.59
C31 XJ8 D . -6.90 -9.99 -8.00
C32 XJ8 D . -6.25 -10.56 -6.90
C33 XJ8 D . -8.11 -10.61 -8.57
C34 XJ8 D . -8.69 -10.05 -9.68
C35 XJ8 D . -8.14 -8.86 -10.25
O36 XJ8 D . -8.66 -8.37 -11.24
N37 XJ8 D . -7.05 -8.26 -9.71
O38 XJ8 D . -8.62 -11.73 -7.98
N24 XJ8 D . -3.35 -9.88 -4.67
C21 XJ8 D . -2.51 -10.41 -3.60
C22 XJ8 D . -2.73 -9.72 -2.30
O23 XJ8 D . -3.35 -8.68 -2.26
C20 XJ8 D . -1.07 -10.06 -3.99
C17 XJ8 D . -0.55 -10.75 -5.25
C16 XJ8 D . -0.11 -9.97 -6.31
C18 XJ8 D . -0.47 -12.15 -5.32
C15 XJ8 D . 0.38 -10.58 -7.46
C19 XJ8 D . 0.02 -12.77 -6.47
C14 XJ8 D . 0.44 -11.97 -7.54
C1 XJ8 D . -4.26 -10.54 3.19
C2 XJ8 D . -4.82 -11.77 2.81
C3 XJ8 D . -4.54 -12.27 1.55
C4 XJ8 D . -3.71 -11.56 0.68
C5 XJ8 D . -3.14 -10.36 1.05
C6 XJ8 D . -3.40 -9.81 2.31
N7 XJ8 D . -4.51 -10.03 4.40
C8 XJ8 D . -4.00 -8.87 4.80
C9 XJ8 D . -3.14 -8.10 3.99
N10 XJ8 D . -4.35 -8.46 6.08
C11 XJ8 D . -2.84 -8.56 2.73
C12 XJ8 D . -2.26 -9.58 0.11
N13 XJ8 D . -2.14 -10.23 -1.20
S SO4 E . -20.42 2.34 1.69
O1 SO4 E . -20.45 2.79 3.11
O2 SO4 E . -19.49 1.22 1.52
O3 SO4 E . -21.78 1.92 1.24
O4 SO4 E . -19.99 3.50 0.88
S SO4 F . 18.85 4.49 12.82
O1 SO4 F . 17.96 5.14 13.76
O2 SO4 F . 18.89 5.24 11.56
O3 SO4 F . 20.20 4.42 13.36
O4 SO4 F . 18.38 3.13 12.54
S SO4 G . -8.51 14.66 6.18
O1 SO4 G . -9.49 15.74 5.88
O2 SO4 G . -9.03 13.82 7.29
O3 SO4 G . -7.22 15.28 6.61
O4 SO4 G . -8.30 13.84 4.97
#